data_7OUZ
#
_entry.id   7OUZ
#
_cell.length_a   77.896
_cell.length_b   116.425
_cell.length_c   61.968
_cell.angle_alpha   90.000
_cell.angle_beta   90.000
_cell.angle_gamma   90.000
#
_symmetry.space_group_name_H-M   'C 2 2 21'
#
loop_
_entity.id
_entity.type
_entity.pdbx_description
1 polymer "Uridine 5'-monophosphate synthase"
2 non-polymer "6-HYDROXYURIDINE-5'-PHOSPHATE"
3 non-polymer PROLINE
4 non-polymer GLYCEROL
5 water water
#
_entity_poly.entity_id   1
_entity_poly.type   'polypeptide(L)'
_entity_poly.pdbx_seq_one_letter_code
;MELSFGARAELPRIHPVASKLLRLMQKKETNLCLSADVSLARELLQLADALGPSICMLKTHVDILNDFTLDVMKELITLA
K(CSS)HEFLIFEDRKFADIGNTVKKQYEGGIFKIASWADLVNAHVVPGSGVVKGLQEVGLPLHRGCLLIAEMSSTGSLA
TGDYTRAAVRMAEEHSEFVVGFISGSRVSMKPEFLHLTPGVQLEAGGDNLGQQYNSPQEVIGKRGSDIIIVGRGIISAAD
RLEAAEMYRKAAWEAYLSRLG
;
_entity_poly.pdbx_strand_id   A
#
# COMPACT_ATOMS: atom_id res chain seq x y z
N MET A 1 18.89 -5.79 15.07
CA MET A 1 18.73 -7.05 14.34
C MET A 1 17.75 -6.87 13.17
N GLU A 2 17.93 -5.79 12.43
N GLU A 2 18.06 -5.86 12.35
CA GLU A 2 17.07 -5.48 11.27
CA GLU A 2 17.22 -5.47 11.22
C GLU A 2 17.45 -6.34 10.06
C GLU A 2 17.50 -6.38 10.03
N LEU A 3 16.45 -6.97 9.48
CA LEU A 3 16.62 -7.82 8.31
C LEU A 3 16.33 -7.04 7.02
N SER A 4 17.01 -7.44 5.96
CA SER A 4 16.69 -6.94 4.63
C SER A 4 15.28 -7.33 4.22
N PHE A 5 14.77 -6.65 3.19
CA PHE A 5 13.48 -7.06 2.63
C PHE A 5 13.52 -8.52 2.19
N GLY A 6 14.60 -8.95 1.53
CA GLY A 6 14.66 -10.33 1.06
C GLY A 6 14.64 -11.35 2.17
N ALA A 7 15.28 -11.04 3.30
CA ALA A 7 15.23 -11.94 4.45
C ALA A 7 13.86 -11.90 5.12
N ARG A 8 13.25 -10.72 5.18
CA ARG A 8 11.91 -10.63 5.76
C ARG A 8 10.93 -11.47 4.96
N ALA A 9 11.15 -11.57 3.65
CA ALA A 9 10.28 -12.37 2.81
C ALA A 9 10.27 -13.84 3.19
N GLU A 10 11.29 -14.30 3.93
N GLU A 10 11.30 -14.29 3.93
CA GLU A 10 11.40 -15.69 4.34
CA GLU A 10 11.46 -15.67 4.34
C GLU A 10 10.97 -15.94 5.77
C GLU A 10 11.08 -15.92 5.80
N LEU A 11 10.56 -14.93 6.51
CA LEU A 11 10.25 -15.12 7.91
C LEU A 11 9.17 -16.19 8.11
N PRO A 12 9.25 -16.95 9.21
N PRO A 12 9.29 -16.95 9.20
CA PRO A 12 8.28 -18.05 9.42
CA PRO A 12 8.32 -18.03 9.49
C PRO A 12 6.84 -17.63 9.35
C PRO A 12 6.87 -17.61 9.34
N ARG A 13 6.49 -16.48 9.91
CA ARG A 13 5.11 -16.05 10.01
C ARG A 13 4.72 -15.13 8.86
N ILE A 14 5.56 -14.97 7.84
CA ILE A 14 5.23 -14.06 6.75
C ILE A 14 3.98 -14.52 6.01
N HIS A 15 3.16 -13.57 5.62
CA HIS A 15 2.02 -13.85 4.77
C HIS A 15 2.50 -14.01 3.33
N PRO A 16 1.93 -14.93 2.55
N PRO A 16 1.93 -14.95 2.58
CA PRO A 16 2.44 -15.10 1.17
CA PRO A 16 2.33 -15.12 1.17
C PRO A 16 2.37 -13.85 0.32
C PRO A 16 2.42 -13.82 0.39
N VAL A 17 1.41 -12.96 0.51
CA VAL A 17 1.35 -11.75 -0.31
C VAL A 17 2.49 -10.82 0.10
N ALA A 18 2.71 -10.70 1.41
CA ALA A 18 3.85 -9.92 1.88
C ALA A 18 5.18 -10.48 1.38
N SER A 19 5.32 -11.80 1.37
N SER A 19 5.32 -11.80 1.37
CA SER A 19 6.55 -12.41 0.90
CA SER A 19 6.59 -12.38 0.90
C SER A 19 6.80 -12.10 -0.56
C SER A 19 6.81 -12.08 -0.58
N LYS A 20 5.75 -12.23 -1.40
CA LYS A 20 5.88 -11.90 -2.81
C LYS A 20 6.32 -10.46 -2.99
N LEU A 21 5.70 -9.55 -2.24
CA LEU A 21 6.03 -8.14 -2.32
C LEU A 21 7.48 -7.90 -1.92
N LEU A 22 7.88 -8.42 -0.77
CA LEU A 22 9.24 -8.19 -0.27
C LEU A 22 10.29 -8.74 -1.22
N ARG A 23 10.02 -9.90 -1.83
N ARG A 23 10.01 -9.90 -1.84
CA ARG A 23 10.97 -10.45 -2.80
CA ARG A 23 10.94 -10.48 -2.80
C ARG A 23 11.12 -9.56 -4.01
C ARG A 23 11.11 -9.56 -4.00
N LEU A 24 10.02 -9.02 -4.54
CA LEU A 24 10.14 -8.17 -5.73
C LEU A 24 10.74 -6.82 -5.37
N MET A 25 10.51 -6.33 -4.16
CA MET A 25 11.17 -5.11 -3.70
C MET A 25 12.69 -5.28 -3.75
N GLN A 26 13.15 -6.39 -3.17
CA GLN A 26 14.59 -6.68 -3.15
C GLN A 26 15.13 -6.87 -4.57
N LYS A 27 14.43 -7.62 -5.40
CA LYS A 27 14.90 -7.91 -6.75
C LYS A 27 15.05 -6.63 -7.56
N LYS A 28 14.05 -5.75 -7.48
CA LYS A 28 13.97 -4.58 -8.32
C LYS A 28 14.58 -3.33 -7.68
N GLU A 29 15.01 -3.42 -6.43
CA GLU A 29 15.51 -2.27 -5.68
C GLU A 29 14.49 -1.14 -5.69
N THR A 30 13.25 -1.48 -5.35
CA THR A 30 12.23 -0.46 -5.18
C THR A 30 11.34 -0.74 -3.98
N ASN A 31 11.13 0.34 -3.23
CA ASN A 31 10.16 0.41 -2.14
C ASN A 31 9.24 1.60 -2.35
N LEU A 32 8.92 1.86 -3.62
CA LEU A 32 8.00 2.91 -4.05
C LEU A 32 6.68 2.31 -4.50
N CYS A 33 5.59 2.84 -3.92
CA CYS A 33 4.22 2.56 -4.36
C CYS A 33 3.69 3.80 -5.06
N LEU A 34 3.35 3.67 -6.33
CA LEU A 34 2.74 4.76 -7.07
C LEU A 34 1.28 4.88 -6.67
N SER A 35 0.85 6.08 -6.29
CA SER A 35 -0.56 6.36 -6.04
C SER A 35 -1.13 6.93 -7.32
N ALA A 36 -1.75 6.05 -8.11
CA ALA A 36 -2.15 6.39 -9.48
C ALA A 36 -3.51 7.08 -9.47
N ASP A 37 -3.51 8.33 -8.99
N ASP A 37 -3.49 8.29 -8.90
CA ASP A 37 -4.76 9.02 -8.66
CA ASP A 37 -4.68 9.10 -8.70
C ASP A 37 -5.24 9.83 -9.87
C ASP A 37 -4.95 9.82 -10.03
N VAL A 38 -5.63 9.09 -10.90
CA VAL A 38 -6.06 9.60 -12.20
C VAL A 38 -7.48 9.15 -12.48
N SER A 39 -8.12 9.85 -13.39
CA SER A 39 -9.51 9.57 -13.73
C SER A 39 -9.69 8.82 -15.03
N LEU A 40 -8.64 8.70 -15.86
N LEU A 40 -8.63 8.58 -15.79
CA LEU A 40 -8.74 8.01 -17.15
CA LEU A 40 -8.71 8.04 -17.14
C LEU A 40 -8.03 6.68 -17.12
C LEU A 40 -7.99 6.71 -17.22
N ALA A 41 -8.71 5.65 -17.61
CA ALA A 41 -8.09 4.33 -17.73
C ALA A 41 -6.84 4.35 -18.57
N ARG A 42 -6.83 5.10 -19.68
CA ARG A 42 -5.64 5.10 -20.53
C ARG A 42 -4.44 5.67 -19.78
N GLU A 43 -4.66 6.74 -19.01
N GLU A 43 -4.66 6.72 -18.99
CA GLU A 43 -3.56 7.30 -18.24
CA GLU A 43 -3.54 7.28 -18.24
C GLU A 43 -3.08 6.32 -17.16
C GLU A 43 -3.08 6.34 -17.13
N LEU A 44 -4.03 5.69 -16.45
CA LEU A 44 -3.68 4.68 -15.47
C LEU A 44 -2.78 3.60 -16.09
N LEU A 45 -3.21 3.06 -17.23
CA LEU A 45 -2.47 1.97 -17.87
C LEU A 45 -1.12 2.44 -18.42
N GLN A 46 -1.09 3.63 -19.00
CA GLN A 46 0.18 4.15 -19.51
C GLN A 46 1.17 4.41 -18.38
N LEU A 47 0.70 4.91 -17.24
CA LEU A 47 1.56 5.06 -16.08
C LEU A 47 2.03 3.70 -15.58
N ALA A 48 1.11 2.73 -15.46
CA ALA A 48 1.48 1.43 -14.95
C ALA A 48 2.55 0.77 -15.82
N ASP A 49 2.44 0.93 -17.13
CA ASP A 49 3.40 0.31 -18.03
C ASP A 49 4.76 1.00 -17.92
N ALA A 50 4.78 2.33 -18.00
CA ALA A 50 6.05 3.04 -18.01
C ALA A 50 6.75 3.00 -16.67
N LEU A 51 5.97 3.10 -15.58
CA LEU A 51 6.55 3.16 -14.23
C LEU A 51 6.64 1.81 -13.57
N GLY A 52 6.06 0.77 -14.18
CA GLY A 52 6.05 -0.54 -13.60
C GLY A 52 7.41 -1.02 -13.13
N PRO A 53 8.46 -0.86 -13.95
CA PRO A 53 9.80 -1.32 -13.50
C PRO A 53 10.33 -0.61 -12.27
N SER A 54 9.84 0.59 -11.98
CA SER A 54 10.31 1.43 -10.91
C SER A 54 9.58 1.25 -9.60
N ILE A 55 8.47 0.49 -9.58
CA ILE A 55 7.56 0.46 -8.43
C ILE A 55 7.43 -0.97 -7.93
N CYS A 56 7.16 -1.09 -6.62
CA CYS A 56 6.81 -2.37 -6.03
C CYS A 56 5.30 -2.59 -6.00
N MET A 57 4.53 -1.53 -6.23
CA MET A 57 3.10 -1.55 -5.99
C MET A 57 2.49 -0.38 -6.71
N LEU A 58 1.26 -0.58 -7.18
CA LEU A 58 0.45 0.46 -7.77
C LEU A 58 -0.83 0.51 -6.94
N LYS A 59 -1.08 1.67 -6.35
CA LYS A 59 -2.25 1.90 -5.52
C LYS A 59 -3.30 2.61 -6.37
N THR A 60 -4.50 2.03 -6.39
CA THR A 60 -5.62 2.56 -7.15
C THR A 60 -6.68 3.16 -6.22
N HIS A 61 -7.43 4.09 -6.80
CA HIS A 61 -8.76 4.48 -6.31
C HIS A 61 -9.73 4.20 -7.48
N VAL A 62 -10.21 2.99 -7.61
N VAL A 62 -10.21 2.98 -7.59
CA VAL A 62 -11.01 2.70 -8.79
CA VAL A 62 -11.04 2.60 -8.72
C VAL A 62 -12.29 3.50 -8.86
C VAL A 62 -12.31 3.44 -8.83
N ASP A 63 -12.78 3.96 -7.70
CA ASP A 63 -14.00 4.75 -7.65
C ASP A 63 -13.83 6.17 -8.14
N ILE A 64 -12.64 6.57 -8.61
N ILE A 64 -12.62 6.53 -8.60
CA ILE A 64 -12.47 7.84 -9.30
CA ILE A 64 -12.40 7.80 -9.26
C ILE A 64 -12.19 7.66 -10.78
C ILE A 64 -12.25 7.63 -10.77
N LEU A 65 -12.21 6.43 -11.28
N LEU A 65 -11.99 6.41 -11.25
CA LEU A 65 -11.91 6.17 -12.69
CA LEU A 65 -11.93 6.22 -12.70
C LEU A 65 -13.20 6.34 -13.50
C LEU A 65 -13.26 6.56 -13.32
N ASN A 66 -13.23 7.38 -14.34
CA ASN A 66 -14.47 7.72 -15.04
C ASN A 66 -14.92 6.61 -15.97
N ASP A 67 -13.97 5.82 -16.47
CA ASP A 67 -14.19 4.80 -17.48
C ASP A 67 -13.73 3.44 -16.99
N PHE A 68 -13.95 3.18 -15.70
CA PHE A 68 -13.74 1.85 -15.16
C PHE A 68 -14.53 0.81 -15.92
N THR A 69 -13.87 -0.31 -16.22
CA THR A 69 -14.52 -1.57 -16.53
C THR A 69 -13.65 -2.67 -15.93
N LEU A 70 -14.22 -3.88 -15.81
CA LEU A 70 -13.39 -4.99 -15.36
C LEU A 70 -12.28 -5.32 -16.35
N ASP A 71 -12.50 -5.04 -17.63
N ASP A 71 -12.51 -5.04 -17.63
CA ASP A 71 -11.43 -5.30 -18.60
CA ASP A 71 -11.45 -5.26 -18.62
C ASP A 71 -10.25 -4.33 -18.43
C ASP A 71 -10.24 -4.36 -18.34
N VAL A 72 -10.48 -3.12 -17.92
CA VAL A 72 -9.34 -2.27 -17.56
C VAL A 72 -8.50 -2.95 -16.50
N MET A 73 -9.16 -3.56 -15.51
N MET A 73 -9.16 -3.57 -15.51
CA MET A 73 -8.41 -4.20 -14.43
CA MET A 73 -8.43 -4.25 -14.45
C MET A 73 -7.67 -5.44 -14.93
C MET A 73 -7.63 -5.43 -14.99
N LYS A 74 -8.21 -6.11 -15.93
N LYS A 74 -8.19 -6.14 -15.96
CA LYS A 74 -7.53 -7.25 -16.54
CA LYS A 74 -7.49 -7.27 -16.56
C LYS A 74 -6.24 -6.75 -17.20
C LYS A 74 -6.21 -6.76 -17.22
N GLU A 75 -6.30 -5.62 -17.90
N GLU A 75 -6.29 -5.63 -17.92
CA GLU A 75 -5.10 -5.05 -18.51
CA GLU A 75 -5.11 -5.02 -18.51
C GLU A 75 -4.09 -4.59 -17.47
C GLU A 75 -4.10 -4.64 -17.45
N LEU A 76 -4.58 -4.07 -16.34
CA LEU A 76 -3.68 -3.67 -15.26
C LEU A 76 -2.96 -4.89 -14.69
N ILE A 77 -3.69 -6.00 -14.51
CA ILE A 77 -3.07 -7.23 -14.03
C ILE A 77 -1.98 -7.70 -14.98
N THR A 78 -2.23 -7.63 -16.29
CA THR A 78 -1.19 -8.02 -17.23
C THR A 78 0.08 -7.22 -16.99
N LEU A 79 -0.05 -5.91 -16.79
CA LEU A 79 1.11 -5.07 -16.56
C LEU A 79 1.77 -5.38 -15.23
N ALA A 80 0.96 -5.63 -14.18
CA ALA A 80 1.50 -5.98 -12.87
C ALA A 80 2.31 -7.28 -12.94
N LYS A 81 1.82 -8.26 -13.69
CA LYS A 81 2.54 -9.52 -13.84
C LYS A 81 3.82 -9.32 -14.64
N HIS A 83 5.66 -6.48 -15.20
CA HIS A 83 6.64 -5.63 -14.55
C HIS A 83 6.94 -6.02 -13.12
N GLU A 84 6.12 -6.88 -12.53
CA GLU A 84 6.26 -7.40 -11.18
C GLU A 84 6.00 -6.32 -10.13
N PHE A 85 4.71 -6.01 -9.96
CA PHE A 85 4.28 -5.15 -8.87
C PHE A 85 2.92 -5.65 -8.40
N LEU A 86 2.57 -5.33 -7.15
N LEU A 86 2.57 -5.31 -7.16
CA LEU A 86 1.24 -5.67 -6.64
CA LEU A 86 1.26 -5.62 -6.60
C LEU A 86 0.26 -4.53 -6.89
C LEU A 86 0.26 -4.53 -6.96
N ILE A 87 -1.02 -4.90 -6.96
CA ILE A 87 -2.11 -3.94 -7.10
C ILE A 87 -2.80 -3.81 -5.75
N PHE A 88 -2.86 -2.58 -5.25
N PHE A 88 -2.90 -2.58 -5.29
CA PHE A 88 -3.45 -2.23 -3.94
CA PHE A 88 -3.47 -2.24 -3.99
C PHE A 88 -4.61 -1.27 -4.18
C PHE A 88 -4.63 -1.29 -4.23
N GLU A 89 -5.86 -1.76 -4.02
CA GLU A 89 -7.03 -0.89 -4.11
C GLU A 89 -7.25 -0.23 -2.74
N ASP A 90 -7.11 1.09 -2.75
CA ASP A 90 -7.14 1.91 -1.53
C ASP A 90 -8.56 2.34 -1.19
N ARG A 91 -9.37 1.33 -0.90
CA ARG A 91 -10.80 1.47 -0.68
C ARG A 91 -11.14 1.92 0.74
N LYS A 92 -10.24 1.71 1.68
CA LYS A 92 -10.48 2.13 3.06
C LYS A 92 -11.84 1.61 3.57
N PHE A 93 -12.03 0.31 3.47
CA PHE A 93 -13.22 -0.30 4.04
C PHE A 93 -13.35 0.13 5.50
N ALA A 94 -14.59 0.42 5.91
N ALA A 94 -14.57 0.50 5.90
CA ALA A 94 -14.76 1.15 7.16
CA ALA A 94 -14.74 1.14 7.20
C ALA A 94 -16.16 0.99 7.73
C ALA A 94 -16.19 1.01 7.66
N ASP A 95 -16.75 -0.17 7.47
N ASP A 95 -16.74 -0.18 7.50
CA ASP A 95 -18.14 -0.47 7.81
CA ASP A 95 -18.13 -0.46 7.84
C ASP A 95 -18.15 -1.72 8.68
C ASP A 95 -18.17 -1.77 8.60
N ILE A 96 -19.37 -2.10 9.08
CA ILE A 96 -19.54 -3.35 9.80
C ILE A 96 -19.15 -4.51 8.88
N GLY A 97 -18.76 -5.62 9.50
CA GLY A 97 -18.30 -6.78 8.75
C GLY A 97 -19.26 -7.26 7.69
N ASN A 98 -20.56 -7.30 8.00
CA ASN A 98 -21.51 -7.83 7.03
C ASN A 98 -21.57 -6.98 5.77
N THR A 99 -21.38 -5.68 5.91
CA THR A 99 -21.39 -4.77 4.78
C THR A 99 -20.10 -4.87 3.97
N VAL A 100 -18.94 -4.82 4.65
CA VAL A 100 -17.70 -4.77 3.89
C VAL A 100 -17.47 -6.04 3.10
N LYS A 101 -17.96 -7.18 3.54
CA LYS A 101 -17.77 -8.40 2.76
C LYS A 101 -18.38 -8.24 1.37
N LYS A 102 -19.55 -7.61 1.31
CA LYS A 102 -20.23 -7.40 0.05
C LYS A 102 -19.55 -6.32 -0.79
N GLN A 103 -19.07 -5.27 -0.14
CA GLN A 103 -18.36 -4.20 -0.85
C GLN A 103 -17.05 -4.68 -1.44
N TYR A 104 -16.45 -5.69 -0.83
CA TYR A 104 -15.15 -6.21 -1.29
C TYR A 104 -15.33 -7.19 -2.44
N GLU A 105 -16.32 -8.08 -2.35
N GLU A 105 -16.33 -8.06 -2.36
CA GLU A 105 -16.52 -9.10 -3.37
CA GLU A 105 -16.50 -9.11 -3.36
C GLU A 105 -17.31 -8.61 -4.57
C GLU A 105 -17.37 -8.69 -4.54
N GLY A 106 -18.32 -7.78 -4.33
CA GLY A 106 -19.39 -7.58 -5.26
C GLY A 106 -19.48 -6.22 -5.89
N GLY A 107 -20.71 -5.84 -6.19
CA GLY A 107 -20.96 -4.62 -6.89
C GLY A 107 -20.32 -4.60 -8.27
N ILE A 108 -20.21 -3.40 -8.82
N ILE A 108 -20.18 -3.42 -8.83
CA ILE A 108 -19.61 -3.22 -10.13
CA ILE A 108 -19.62 -3.33 -10.17
C ILE A 108 -18.12 -3.53 -10.10
C ILE A 108 -18.09 -3.44 -10.15
N PHE A 109 -17.44 -3.17 -9.02
CA PHE A 109 -15.97 -3.17 -9.07
C PHE A 109 -15.37 -4.55 -8.84
N LYS A 110 -16.04 -5.45 -8.15
CA LYS A 110 -15.50 -6.78 -7.82
C LYS A 110 -14.04 -6.68 -7.37
N ILE A 111 -13.80 -5.86 -6.36
CA ILE A 111 -12.42 -5.52 -5.96
C ILE A 111 -11.59 -6.75 -5.68
N ALA A 112 -12.14 -7.72 -4.95
CA ALA A 112 -11.35 -8.88 -4.54
C ALA A 112 -10.85 -9.69 -5.74
N SER A 113 -11.52 -9.57 -6.89
N SER A 113 -11.51 -9.58 -6.89
CA SER A 113 -11.12 -10.34 -8.05
CA SER A 113 -11.10 -10.37 -8.04
C SER A 113 -9.83 -9.85 -8.69
C SER A 113 -9.75 -9.91 -8.60
N TRP A 114 -9.40 -8.63 -8.44
CA TRP A 114 -8.21 -8.08 -9.07
C TRP A 114 -7.22 -7.43 -8.11
N ALA A 115 -7.60 -7.09 -6.89
CA ALA A 115 -6.67 -6.40 -6.00
C ALA A 115 -5.93 -7.41 -5.14
N ASP A 116 -4.58 -7.39 -5.20
CA ASP A 116 -3.79 -8.20 -4.28
C ASP A 116 -3.99 -7.75 -2.86
N LEU A 117 -4.02 -6.45 -2.64
CA LEU A 117 -4.15 -5.83 -1.34
C LEU A 117 -5.31 -4.86 -1.35
N VAL A 118 -5.97 -4.79 -0.20
CA VAL A 118 -6.90 -3.71 0.14
C VAL A 118 -6.51 -3.20 1.52
N ASN A 119 -7.22 -2.19 2.00
CA ASN A 119 -7.01 -1.67 3.33
C ASN A 119 -8.33 -1.37 4.02
N ALA A 120 -8.22 -1.18 5.31
CA ALA A 120 -9.39 -0.95 6.17
C ALA A 120 -9.03 0.00 7.28
N HIS A 121 -10.01 0.83 7.65
CA HIS A 121 -9.97 1.54 8.91
C HIS A 121 -10.38 0.61 10.03
N VAL A 122 -9.81 0.85 11.22
CA VAL A 122 -10.05 0.00 12.38
C VAL A 122 -11.19 0.49 13.26
N VAL A 123 -11.71 1.68 12.99
CA VAL A 123 -12.75 2.27 13.81
C VAL A 123 -13.97 1.37 14.04
N PRO A 124 -14.42 0.51 13.11
CA PRO A 124 -15.60 -0.32 13.43
C PRO A 124 -15.34 -1.42 14.42
N GLY A 125 -14.09 -1.66 14.82
CA GLY A 125 -13.73 -2.87 15.53
C GLY A 125 -13.39 -3.99 14.56
N SER A 126 -12.97 -5.12 15.14
CA SER A 126 -12.35 -6.16 14.33
C SER A 126 -13.30 -6.88 13.39
N GLY A 127 -14.62 -6.67 13.53
CA GLY A 127 -15.53 -7.23 12.54
C GLY A 127 -15.26 -6.73 11.13
N VAL A 128 -14.66 -5.53 10.99
CA VAL A 128 -14.32 -5.08 9.64
C VAL A 128 -13.33 -6.05 8.99
N VAL A 129 -12.36 -6.52 9.77
CA VAL A 129 -11.37 -7.46 9.27
C VAL A 129 -12.00 -8.83 9.06
N LYS A 130 -12.80 -9.28 10.03
N LYS A 130 -12.81 -9.27 10.02
CA LYS A 130 -13.47 -10.57 9.89
CA LYS A 130 -13.45 -10.58 9.88
C LYS A 130 -14.31 -10.62 8.62
C LYS A 130 -14.36 -10.64 8.65
N GLY A 131 -15.06 -9.56 8.35
CA GLY A 131 -15.89 -9.56 7.16
C GLY A 131 -15.06 -9.61 5.88
N LEU A 132 -14.01 -8.80 5.82
CA LEU A 132 -13.16 -8.83 4.63
C LEU A 132 -12.51 -10.20 4.46
N GLN A 133 -12.06 -10.80 5.54
N GLN A 133 -12.06 -10.79 5.57
CA GLN A 133 -11.30 -12.04 5.41
CA GLN A 133 -11.37 -12.08 5.54
C GLN A 133 -12.19 -13.20 4.98
C GLN A 133 -12.23 -13.13 4.86
N GLU A 134 -13.53 -13.09 5.16
CA GLU A 134 -14.42 -14.12 4.63
C GLU A 134 -14.30 -14.25 3.12
N VAL A 135 -14.06 -13.12 2.45
CA VAL A 135 -13.82 -13.07 1.01
C VAL A 135 -12.34 -13.22 0.68
N GLY A 136 -11.47 -12.53 1.43
CA GLY A 136 -10.09 -12.42 1.02
C GLY A 136 -9.25 -13.65 1.31
N LEU A 137 -9.56 -14.40 2.39
N LEU A 137 -9.48 -14.30 2.43
CA LEU A 137 -8.77 -15.60 2.65
CA LEU A 137 -8.63 -15.43 2.77
C LEU A 137 -8.96 -16.64 1.56
C LEU A 137 -8.72 -16.53 1.71
N PRO A 138 -10.19 -16.94 1.11
N PRO A 138 -9.91 -16.95 1.26
CA PRO A 138 -10.33 -17.92 0.02
CA PRO A 138 -9.95 -17.96 0.18
C PRO A 138 -9.66 -17.48 -1.25
C PRO A 138 -9.38 -17.48 -1.14
N LEU A 139 -9.51 -16.17 -1.44
CA LEU A 139 -8.89 -15.61 -2.63
C LEU A 139 -7.41 -15.29 -2.44
N HIS A 140 -6.83 -15.69 -1.31
CA HIS A 140 -5.40 -15.58 -1.09
C HIS A 140 -4.95 -14.13 -1.14
N ARG A 141 -5.78 -13.22 -0.64
CA ARG A 141 -5.49 -11.79 -0.63
C ARG A 141 -4.90 -11.34 0.70
N GLY A 142 -4.44 -10.09 0.74
CA GLY A 142 -4.01 -9.48 1.97
C GLY A 142 -4.67 -8.14 2.21
N CYS A 143 -4.52 -7.67 3.44
CA CYS A 143 -5.11 -6.42 3.89
C CYS A 143 -4.13 -5.62 4.72
N LEU A 144 -4.23 -4.30 4.60
CA LEU A 144 -3.46 -3.34 5.39
C LEU A 144 -4.42 -2.58 6.29
N LEU A 145 -4.02 -2.36 7.54
CA LEU A 145 -4.84 -1.58 8.46
C LEU A 145 -4.29 -0.17 8.61
N ILE A 146 -5.20 0.81 8.64
CA ILE A 146 -4.81 2.21 8.72
C ILE A 146 -4.59 2.56 10.19
N ALA A 147 -3.32 2.65 10.57
CA ALA A 147 -2.93 2.90 11.95
C ALA A 147 -2.66 4.37 12.24
N GLU A 148 -2.27 5.14 11.23
CA GLU A 148 -2.02 6.57 11.33
C GLU A 148 -2.41 7.16 9.98
N MET A 149 -2.74 8.45 9.97
CA MET A 149 -3.01 9.18 8.73
C MET A 149 -2.13 10.42 8.65
N SER A 150 -1.90 10.87 7.42
CA SER A 150 -0.99 11.97 7.15
C SER A 150 -1.64 13.34 7.28
N SER A 151 -2.95 13.40 7.36
CA SER A 151 -3.70 14.62 7.21
C SER A 151 -3.87 15.37 8.53
N THR A 152 -4.05 16.68 8.40
N THR A 152 -4.01 16.68 8.40
CA THR A 152 -4.16 17.55 9.55
CA THR A 152 -4.15 17.53 9.57
C THR A 152 -5.42 17.22 10.36
C THR A 152 -5.39 17.12 10.35
N GLY A 153 -5.23 17.02 11.65
CA GLY A 153 -6.33 16.67 12.52
C GLY A 153 -6.63 15.20 12.62
N SER A 154 -5.80 14.35 12.01
CA SER A 154 -6.01 12.91 12.11
C SER A 154 -6.24 12.49 13.55
N LEU A 155 -7.23 11.62 13.74
CA LEU A 155 -7.54 11.03 15.04
C LEU A 155 -6.92 9.66 15.20
N ALA A 156 -6.14 9.21 14.21
CA ALA A 156 -5.49 7.89 14.27
C ALA A 156 -4.16 8.02 14.99
N THR A 157 -4.26 8.23 16.31
CA THR A 157 -3.12 8.50 17.16
C THR A 157 -3.30 7.72 18.46
N GLY A 158 -2.23 7.64 19.24
CA GLY A 158 -2.35 7.14 20.60
C GLY A 158 -2.97 5.76 20.68
N ASP A 159 -4.00 5.62 21.51
CA ASP A 159 -4.63 4.33 21.72
C ASP A 159 -5.29 3.81 20.46
N TYR A 160 -5.70 4.68 19.54
CA TYR A 160 -6.28 4.23 18.28
C TYR A 160 -5.24 3.48 17.47
N THR A 161 -4.04 4.07 17.35
CA THR A 161 -2.93 3.40 16.65
C THR A 161 -2.61 2.07 17.33
N ARG A 162 -2.53 2.06 18.65
CA ARG A 162 -2.25 0.80 19.34
C ARG A 162 -3.32 -0.25 19.06
N ALA A 163 -4.59 0.16 18.99
CA ALA A 163 -5.66 -0.79 18.69
C ALA A 163 -5.49 -1.34 17.29
N ALA A 164 -5.04 -0.52 16.34
CA ALA A 164 -4.82 -1.01 15.00
C ALA A 164 -3.73 -2.07 14.97
N VAL A 165 -2.64 -1.85 15.71
CA VAL A 165 -1.56 -2.82 15.76
C VAL A 165 -2.03 -4.12 16.37
N ARG A 166 -2.79 -4.05 17.45
CA ARG A 166 -3.30 -5.27 18.07
C ARG A 166 -4.23 -6.02 17.12
N MET A 167 -5.08 -5.28 16.41
CA MET A 167 -6.00 -5.92 15.49
C MET A 167 -5.24 -6.64 14.37
N ALA A 168 -4.19 -6.02 13.88
CA ALA A 168 -3.38 -6.66 12.85
C ALA A 168 -2.73 -7.92 13.36
N GLU A 169 -2.13 -7.85 14.55
N GLU A 169 -2.08 -7.83 14.53
CA GLU A 169 -1.36 -8.94 15.07
CA GLU A 169 -1.44 -8.98 15.14
C GLU A 169 -2.26 -10.11 15.48
C GLU A 169 -2.38 -10.15 15.19
N GLU A 170 -3.58 -9.88 15.68
CA GLU A 170 -4.57 -10.92 15.94
C GLU A 170 -5.25 -11.44 14.68
N HIS A 171 -5.01 -10.85 13.52
CA HIS A 171 -5.58 -11.27 12.25
C HIS A 171 -4.48 -11.44 11.23
N SER A 172 -3.35 -12.02 11.66
CA SER A 172 -2.16 -12.10 10.82
C SER A 172 -2.30 -13.08 9.65
N GLU A 173 -3.34 -13.91 9.64
CA GLU A 173 -3.58 -14.73 8.46
C GLU A 173 -4.03 -13.92 7.26
N PHE A 174 -4.48 -12.70 7.49
CA PHE A 174 -5.00 -11.85 6.41
C PHE A 174 -4.34 -10.48 6.39
N VAL A 175 -4.07 -9.90 7.55
CA VAL A 175 -3.49 -8.57 7.63
C VAL A 175 -1.98 -8.68 7.52
N VAL A 176 -1.42 -7.94 6.56
CA VAL A 176 -0.01 -8.02 6.23
C VAL A 176 0.74 -6.77 6.61
N GLY A 177 0.07 -5.76 7.14
CA GLY A 177 0.77 -4.55 7.52
C GLY A 177 -0.17 -3.39 7.67
N PHE A 178 0.42 -2.21 7.56
CA PHE A 178 -0.19 -0.97 7.96
C PHE A 178 -0.02 0.12 6.94
N ILE A 179 -1.01 1.02 6.89
N ILE A 179 -0.99 1.02 6.90
CA ILE A 179 -0.81 2.38 6.41
CA ILE A 179 -0.83 2.38 6.42
C ILE A 179 -0.50 3.19 7.65
C ILE A 179 -0.52 3.22 7.64
N SER A 180 0.66 3.83 7.67
CA SER A 180 1.09 4.56 8.86
C SER A 180 2.11 5.60 8.44
N GLY A 181 2.46 6.49 9.37
CA GLY A 181 3.50 7.47 9.12
C GLY A 181 4.88 7.04 9.54
N SER A 182 4.97 5.89 10.17
N SER A 182 4.93 5.98 10.35
CA SER A 182 6.16 5.43 10.87
CA SER A 182 6.13 5.50 11.01
C SER A 182 6.00 3.95 11.12
C SER A 182 5.95 4.01 11.30
N ARG A 183 7.07 3.33 11.60
CA ARG A 183 6.99 1.98 12.12
C ARG A 183 6.09 1.99 13.35
N VAL A 184 5.04 1.19 13.34
CA VAL A 184 4.13 1.07 14.47
C VAL A 184 4.17 -0.30 15.12
N SER A 185 4.58 -1.33 14.39
CA SER A 185 4.74 -2.66 14.94
C SER A 185 6.21 -3.01 14.96
N MET A 186 6.63 -3.70 16.02
N MET A 186 6.59 -3.72 16.02
CA MET A 186 7.99 -4.21 16.07
CA MET A 186 7.93 -4.26 16.19
C MET A 186 8.17 -5.52 15.32
C MET A 186 8.09 -5.64 15.59
N LYS A 187 7.08 -6.15 14.91
CA LYS A 187 7.15 -7.47 14.30
C LYS A 187 7.55 -7.31 12.83
N PRO A 188 8.66 -7.90 12.39
CA PRO A 188 9.18 -7.61 11.05
C PRO A 188 8.37 -8.24 9.93
N GLU A 189 7.42 -9.10 10.27
N GLU A 189 7.44 -9.14 10.24
CA GLU A 189 6.51 -9.69 9.31
CA GLU A 189 6.66 -9.73 9.16
C GLU A 189 5.48 -8.70 8.79
C GLU A 189 5.61 -8.77 8.62
N PHE A 190 5.34 -7.54 9.41
N PHE A 190 5.32 -7.70 9.36
CA PHE A 190 4.37 -6.57 8.97
CA PHE A 190 4.39 -6.68 8.91
C PHE A 190 5.02 -5.47 8.16
C PHE A 190 5.09 -5.65 8.01
N LEU A 191 4.37 -5.14 7.04
N LEU A 191 4.34 -5.12 7.05
CA LEU A 191 4.79 -4.06 6.17
CA LEU A 191 4.80 -4.07 6.16
C LEU A 191 4.27 -2.73 6.68
C LEU A 191 4.24 -2.73 6.63
N HIS A 192 5.06 -1.68 6.52
CA HIS A 192 4.65 -0.32 6.83
C HIS A 192 4.70 0.49 5.54
N LEU A 193 3.54 1.01 5.11
CA LEU A 193 3.43 1.84 3.93
C LEU A 193 3.03 3.25 4.34
N THR A 194 3.75 4.24 3.84
CA THR A 194 3.57 5.61 4.29
C THR A 194 3.24 6.55 3.16
N PRO A 195 2.03 7.11 3.15
CA PRO A 195 1.64 8.18 2.24
C PRO A 195 1.94 9.53 2.85
N GLY A 196 1.58 10.60 2.16
CA GLY A 196 1.99 11.93 2.58
C GLY A 196 3.47 12.15 2.36
N VAL A 197 3.97 11.82 1.17
CA VAL A 197 5.40 11.87 0.86
C VAL A 197 5.63 12.74 -0.37
N GLN A 198 6.56 13.70 -0.22
N GLN A 198 6.56 13.69 -0.22
CA GLN A 198 7.12 14.45 -1.33
CA GLN A 198 7.09 14.50 -1.32
C GLN A 198 8.56 14.77 -1.02
C GLN A 198 8.54 14.86 -1.01
N LEU A 199 9.34 15.09 -2.05
CA LEU A 199 10.72 15.51 -1.84
C LEU A 199 10.80 16.88 -1.18
N GLU A 200 9.91 17.79 -1.55
CA GLU A 200 9.86 19.14 -1.01
C GLU A 200 8.85 19.22 0.13
N ALA A 201 9.11 20.14 1.05
CA ALA A 201 8.20 20.40 2.15
C ALA A 201 6.89 20.99 1.65
N GLY A 202 5.83 20.75 2.42
CA GLY A 202 4.58 21.41 2.19
C GLY A 202 3.39 20.50 2.43
N GLY A 203 2.34 20.76 1.66
CA GLY A 203 1.08 20.08 1.86
C GLY A 203 0.15 20.45 0.73
N ASP A 204 -1.16 20.24 0.93
CA ASP A 204 -2.17 20.74 0.01
C ASP A 204 -3.13 21.63 0.78
N ASN A 205 -4.17 22.10 0.09
N ASN A 205 -4.17 22.11 0.10
CA ASN A 205 -5.13 23.01 0.68
CA ASN A 205 -5.12 23.02 0.72
C ASN A 205 -6.32 22.32 1.31
C ASN A 205 -6.31 22.31 1.34
N LEU A 206 -6.25 21.00 1.46
CA LEU A 206 -7.29 20.16 2.02
C LEU A 206 -6.70 19.20 3.03
N GLY A 207 -5.72 19.67 3.80
CA GLY A 207 -5.23 18.93 4.94
C GLY A 207 -4.10 17.95 4.70
N GLN A 208 -3.65 17.73 3.47
CA GLN A 208 -2.50 16.86 3.27
C GLN A 208 -1.25 17.53 3.81
N GLN A 209 -0.38 16.74 4.39
CA GLN A 209 0.91 17.17 4.89
C GLN A 209 1.98 16.23 4.37
N TYR A 210 3.11 16.78 3.91
CA TYR A 210 4.17 15.98 3.34
C TYR A 210 5.39 15.87 4.24
N ASN A 211 6.01 14.70 4.17
CA ASN A 211 7.34 14.45 4.68
C ASN A 211 8.16 13.78 3.59
N SER A 212 9.49 13.82 3.74
CA SER A 212 10.35 13.31 2.68
C SER A 212 10.56 11.81 2.81
N PRO A 213 10.99 11.18 1.71
CA PRO A 213 11.38 9.76 1.80
C PRO A 213 12.43 9.50 2.85
N GLN A 214 13.45 10.36 2.93
CA GLN A 214 14.49 10.13 3.92
C GLN A 214 13.91 10.15 5.33
N GLU A 215 13.01 11.10 5.60
CA GLU A 215 12.39 11.18 6.92
C GLU A 215 11.57 9.92 7.22
N VAL A 216 10.61 9.60 6.36
N VAL A 216 10.61 9.60 6.35
CA VAL A 216 9.72 8.45 6.63
CA VAL A 216 9.72 8.47 6.57
C VAL A 216 10.36 7.07 6.62
C VAL A 216 10.34 7.06 6.59
N ILE A 217 11.26 6.80 5.68
CA ILE A 217 11.92 5.50 5.60
C ILE A 217 13.10 5.44 6.56
N GLY A 218 13.94 6.48 6.52
CA GLY A 218 15.19 6.50 7.25
C GLY A 218 15.03 6.78 8.72
N LYS A 219 14.28 7.81 9.10
N LYS A 219 14.33 7.84 9.10
CA LYS A 219 14.16 8.22 10.50
CA LYS A 219 14.15 8.18 10.50
C LYS A 219 12.89 7.70 11.18
C LYS A 219 12.96 7.44 11.13
N ARG A 220 11.82 7.44 10.44
CA ARG A 220 10.59 6.93 11.03
C ARG A 220 10.41 5.43 10.84
N GLY A 221 11.29 4.79 10.08
CA GLY A 221 11.34 3.35 10.02
C GLY A 221 10.32 2.65 9.16
N SER A 222 9.64 3.36 8.28
N SER A 222 9.65 3.37 8.26
CA SER A 222 8.67 2.74 7.41
CA SER A 222 8.67 2.75 7.39
C SER A 222 9.38 1.95 6.29
C SER A 222 9.36 2.01 6.24
N ASP A 223 8.60 1.15 5.57
CA ASP A 223 9.16 0.31 4.52
C ASP A 223 9.00 0.87 3.12
N ILE A 224 7.82 1.41 2.82
CA ILE A 224 7.41 1.77 1.48
C ILE A 224 6.84 3.18 1.52
N ILE A 225 7.18 3.99 0.51
CA ILE A 225 6.55 5.29 0.34
C ILE A 225 5.44 5.18 -0.69
N ILE A 226 4.32 5.85 -0.40
CA ILE A 226 3.19 5.99 -1.32
C ILE A 226 3.20 7.43 -1.81
N VAL A 227 3.33 7.61 -3.12
CA VAL A 227 3.51 8.93 -3.72
C VAL A 227 2.50 9.11 -4.85
N GLY A 228 1.67 10.15 -4.75
CA GLY A 228 0.74 10.53 -5.79
C GLY A 228 1.24 11.73 -6.57
N ARG A 229 0.77 12.92 -6.20
CA ARG A 229 1.03 14.14 -6.95
C ARG A 229 2.51 14.46 -7.15
N GLY A 230 3.39 14.07 -6.22
CA GLY A 230 4.80 14.31 -6.43
C GLY A 230 5.33 13.68 -7.69
N ILE A 231 4.69 12.57 -8.11
CA ILE A 231 4.96 11.94 -9.40
C ILE A 231 3.95 12.40 -10.45
N ILE A 232 2.65 12.25 -10.13
N ILE A 232 2.65 12.22 -10.20
CA ILE A 232 1.58 12.35 -11.12
CA ILE A 232 1.72 12.35 -11.31
C ILE A 232 1.46 13.74 -11.74
C ILE A 232 1.60 13.77 -11.84
N SER A 233 1.80 14.79 -11.01
CA SER A 233 1.73 16.15 -11.51
C SER A 233 3.01 16.61 -12.20
N ALA A 234 4.09 15.85 -12.07
CA ALA A 234 5.34 16.19 -12.76
C ALA A 234 5.17 15.98 -14.26
N ALA A 235 5.98 16.70 -15.03
CA ALA A 235 5.92 16.51 -16.47
C ALA A 235 6.40 15.12 -16.87
N ASP A 236 7.60 14.76 -16.45
CA ASP A 236 8.16 13.44 -16.74
C ASP A 236 7.92 12.56 -15.52
N ARG A 237 6.85 11.77 -15.57
CA ARG A 237 6.49 10.90 -14.48
C ARG A 237 7.51 9.77 -14.27
N LEU A 238 8.19 9.34 -15.33
CA LEU A 238 9.17 8.26 -15.16
C LEU A 238 10.37 8.77 -14.38
N GLU A 239 10.92 9.90 -14.75
N GLU A 239 10.92 9.90 -14.79
CA GLU A 239 12.05 10.43 -13.99
CA GLU A 239 12.02 10.52 -14.04
C GLU A 239 11.62 10.78 -12.57
C GLU A 239 11.61 10.77 -12.60
N ALA A 240 10.41 11.30 -12.39
CA ALA A 240 9.95 11.58 -11.03
C ALA A 240 9.90 10.29 -10.22
N ALA A 241 9.33 9.23 -10.81
CA ALA A 241 9.28 7.97 -10.07
C ALA A 241 10.67 7.47 -9.73
N GLU A 242 11.62 7.61 -10.65
CA GLU A 242 12.99 7.19 -10.38
C GLU A 242 13.60 7.98 -9.24
N MET A 243 13.33 9.30 -9.17
N MET A 243 13.34 9.30 -9.19
CA MET A 243 13.86 10.08 -8.07
CA MET A 243 13.84 10.11 -8.08
C MET A 243 13.30 9.61 -6.73
C MET A 243 13.31 9.57 -6.76
N TYR A 244 12.00 9.31 -6.69
CA TYR A 244 11.40 8.82 -5.47
C TYR A 244 11.89 7.41 -5.12
N ARG A 245 12.04 6.55 -6.12
CA ARG A 245 12.55 5.21 -5.88
C ARG A 245 13.95 5.29 -5.27
N LYS A 246 14.83 6.07 -5.89
CA LYS A 246 16.21 6.14 -5.41
C LYS A 246 16.25 6.70 -4.01
N ALA A 247 15.41 7.70 -3.72
CA ALA A 247 15.37 8.28 -2.39
C ALA A 247 14.95 7.23 -1.35
N ALA A 248 13.84 6.54 -1.61
CA ALA A 248 13.35 5.59 -0.63
C ALA A 248 14.29 4.40 -0.47
N TRP A 249 14.91 3.97 -1.58
CA TRP A 249 15.76 2.79 -1.51
C TRP A 249 17.03 3.09 -0.73
N GLU A 250 17.65 4.24 -0.99
CA GLU A 250 18.85 4.59 -0.26
C GLU A 250 18.57 4.81 1.22
N ALA A 251 17.40 5.40 1.54
CA ALA A 251 17.05 5.60 2.95
C ALA A 251 16.93 4.26 3.65
N TYR A 252 16.33 3.28 2.97
CA TYR A 252 16.25 1.91 3.50
C TYR A 252 17.65 1.31 3.69
N LEU A 253 18.50 1.40 2.68
CA LEU A 253 19.83 0.82 2.80
C LEU A 253 20.59 1.42 3.96
N SER A 254 20.57 2.74 4.07
N SER A 254 20.36 2.70 4.26
CA SER A 254 21.36 3.41 5.10
CA SER A 254 21.05 3.35 5.36
C SER A 254 20.88 3.01 6.50
C SER A 254 20.55 2.89 6.73
N ARG A 255 19.57 2.91 6.68
N ARG A 255 19.35 2.34 6.82
CA ARG A 255 19.05 2.47 7.98
CA ARG A 255 18.86 1.88 8.13
C ARG A 255 19.45 1.02 8.27
C ARG A 255 19.16 0.39 8.42
N LEU A 256 19.46 0.19 7.23
N LEU A 256 19.63 -0.33 7.39
CA LEU A 256 19.82 -1.22 7.40
CA LEU A 256 20.03 -1.71 7.51
C LEU A 256 21.27 -1.34 7.82
C LEU A 256 21.43 -1.76 8.09
N GLY A 257 22.14 -0.52 7.27
N GLY A 257 22.30 -0.88 7.58
CA GLY A 257 23.54 -0.54 7.65
CA GLY A 257 23.67 -0.80 8.03
C GLY A 257 24.16 -1.91 7.48
C GLY A 257 24.51 -1.88 7.38
#